data_6FDO
#
_entry.id   6FDO
#
_cell.length_a   67.555
_cell.length_b   67.555
_cell.length_c   312.195
_cell.angle_alpha   90.00
_cell.angle_beta   90.00
_cell.angle_gamma   120.00
#
_symmetry.space_group_name_H-M   'P 65'
#
loop_
_entity.id
_entity.type
_entity.pdbx_description
1 polymer 'Serine/threonine-protein kinase RIO2'
2 water water
#
_entity_poly.entity_id   1
_entity_poly.type   'polypeptide(L)'
_entity_poly.pdbx_seq_one_letter_code
;MGKVNVAKLRYMSRDDFRVLTAVEMGMKNHEIVPGSLIASIASLKHGGCNKVLRELVKHKLIAWERTKTVQGYRLTNAGY
DYLALKTLSSRQVVESVGNQMGVGKESDIYIVANEEGQQFALKLHRLGRTSFRNLKNKRDYHKHRHNVSWLYLSRLSAMK
EFAYMKALYERKFPVPKPIDYNRHAVVMELINGYPLCQIHHVEDPASVYDEAMELIVKLANHGLIHGDFNEFNLILDESD
HITMIDFPQMVSTSHPNAEWYFDRDVKCIKDFFMKRFSYESELFPTFKDIRREDTLDVEVSASGYTKEMQADDELLHPLG
PDDKNIETKEGSEFSFSDGEVAEKAEVYGSENE
;
_entity_poly.pdbx_strand_id   A,B
#
# COMPACT_ATOMS: atom_id res chain seq x y z
N ARG A 10 -22.09 -10.25 22.98
CA ARG A 10 -23.17 -10.92 23.71
C ARG A 10 -24.36 -11.20 22.76
N TYR A 11 -25.63 -11.30 23.28
CA TYR A 11 -26.83 -11.54 22.46
C TYR A 11 -26.84 -10.49 21.36
N MET A 12 -26.81 -10.94 20.09
CA MET A 12 -26.71 -9.99 18.99
C MET A 12 -28.04 -9.62 18.34
N SER A 13 -28.70 -10.57 17.62
CA SER A 13 -29.94 -10.43 16.83
C SER A 13 -29.63 -9.90 15.41
N ARG A 14 -30.31 -10.46 14.37
CA ARG A 14 -30.11 -10.11 12.96
C ARG A 14 -30.40 -8.63 12.66
N ASP A 15 -31.34 -8.00 13.40
CA ASP A 15 -31.69 -6.58 13.25
C ASP A 15 -30.46 -5.74 13.57
N ASP A 16 -29.72 -6.10 14.64
CA ASP A 16 -28.50 -5.41 15.07
C ASP A 16 -27.33 -5.63 14.11
N PHE A 17 -27.29 -6.82 13.47
CA PHE A 17 -26.26 -7.18 12.50
C PHE A 17 -26.46 -6.48 11.16
N ARG A 18 -27.74 -6.20 10.80
CA ARG A 18 -28.17 -5.52 9.58
C ARG A 18 -27.79 -4.04 9.60
N VAL A 19 -27.96 -3.38 10.77
CA VAL A 19 -27.63 -1.96 10.98
C VAL A 19 -26.09 -1.76 10.92
N LEU A 20 -25.34 -2.75 11.44
CA LEU A 20 -23.87 -2.80 11.41
C LEU A 20 -23.43 -2.86 9.95
N THR A 21 -24.05 -3.75 9.15
CA THR A 21 -23.82 -3.90 7.71
C THR A 21 -24.26 -2.64 6.93
N ALA A 22 -25.24 -1.88 7.45
CA ALA A 22 -25.73 -0.62 6.88
C ALA A 22 -24.69 0.50 7.13
N VAL A 23 -24.14 0.59 8.38
CA VAL A 23 -23.05 1.54 8.74
C VAL A 23 -21.85 1.22 7.82
N GLU A 24 -21.54 -0.08 7.66
CA GLU A 24 -20.47 -0.55 6.76
C GLU A 24 -20.76 -0.10 5.32
N MET A 25 -21.92 -0.47 4.76
CA MET A 25 -22.34 -0.14 3.39
C MET A 25 -22.22 1.37 3.11
N GLY A 26 -22.82 2.17 3.99
CA GLY A 26 -22.82 3.62 3.89
C GLY A 26 -21.47 4.28 4.00
N MET A 27 -20.50 3.62 4.69
CA MET A 27 -19.12 4.04 4.92
C MET A 27 -18.22 4.05 3.68
N LYS A 28 -18.68 3.42 2.58
CA LYS A 28 -18.00 3.39 1.29
C LYS A 28 -17.86 4.84 0.82
N ASN A 29 -18.96 5.60 0.88
CA ASN A 29 -19.04 7.03 0.64
C ASN A 29 -19.16 7.64 2.05
N HIS A 30 -18.74 8.91 2.25
CA HIS A 30 -18.82 9.64 3.53
C HIS A 30 -18.02 9.04 4.70
N GLU A 31 -17.22 9.88 5.38
CA GLU A 31 -16.44 9.57 6.58
C GLU A 31 -17.36 9.13 7.72
N ILE A 32 -18.56 9.79 7.81
CA ILE A 32 -19.59 9.56 8.83
C ILE A 32 -20.94 9.39 8.16
N VAL A 33 -21.62 8.26 8.41
CA VAL A 33 -22.91 7.96 7.79
C VAL A 33 -24.08 8.42 8.72
N PRO A 34 -24.86 9.46 8.30
CA PRO A 34 -25.96 9.94 9.15
C PRO A 34 -27.09 8.93 9.34
N GLY A 35 -27.76 9.04 10.49
CA GLY A 35 -28.87 8.19 10.90
C GLY A 35 -29.89 7.89 9.81
N SER A 36 -30.45 8.96 9.17
CA SER A 36 -31.43 8.90 8.09
C SER A 36 -30.97 8.02 6.92
N LEU A 37 -29.69 8.11 6.56
CA LEU A 37 -29.15 7.30 5.46
C LEU A 37 -28.98 5.82 5.89
N ILE A 38 -28.72 5.56 7.21
CA ILE A 38 -28.60 4.21 7.79
C ILE A 38 -29.96 3.50 7.82
N ALA A 39 -31.02 4.20 8.27
CA ALA A 39 -32.40 3.69 8.36
C ALA A 39 -32.90 3.18 7.00
N SER A 40 -32.54 3.91 5.93
CA SER A 40 -32.83 3.64 4.52
C SER A 40 -32.12 2.33 4.06
N ILE A 41 -30.76 2.25 4.21
CA ILE A 41 -29.94 1.07 3.83
C ILE A 41 -30.35 -0.18 4.64
N ALA A 42 -30.56 0.01 5.97
CA ALA A 42 -30.96 -1.07 6.88
C ALA A 42 -32.31 -1.70 6.56
N SER A 43 -33.43 -0.95 6.78
CA SER A 43 -34.85 -1.37 6.67
C SER A 43 -35.16 -2.27 7.90
N LEU A 44 -36.45 -2.63 8.23
CA LEU A 44 -36.64 -3.43 9.46
C LEU A 44 -38.04 -4.10 9.65
N LYS A 45 -38.77 -3.69 10.73
CA LYS A 45 -40.04 -4.11 11.38
C LYS A 45 -39.57 -4.76 12.68
N HIS A 46 -39.76 -4.18 13.89
CA HIS A 46 -40.49 -2.98 14.35
C HIS A 46 -39.81 -1.61 14.08
N GLY A 47 -39.04 -1.53 13.00
CA GLY A 47 -38.34 -0.33 12.55
C GLY A 47 -37.39 0.40 13.48
N GLY A 48 -37.27 -0.07 14.73
CA GLY A 48 -36.49 0.52 15.80
C GLY A 48 -34.99 0.57 15.57
N CYS A 49 -34.59 1.39 14.60
CA CYS A 49 -33.25 1.63 14.10
C CYS A 49 -32.42 2.54 15.03
N ASN A 50 -32.99 3.72 15.41
CA ASN A 50 -32.37 4.69 16.31
C ASN A 50 -32.15 4.03 17.68
N LYS A 51 -32.91 2.96 17.96
CA LYS A 51 -32.82 2.16 19.17
C LYS A 51 -31.64 1.22 18.99
N VAL A 52 -31.53 0.55 17.81
CA VAL A 52 -30.44 -0.39 17.49
C VAL A 52 -29.09 0.33 17.43
N LEU A 53 -29.05 1.56 16.90
CA LEU A 53 -27.83 2.36 16.83
C LEU A 53 -27.31 2.70 18.24
N ARG A 54 -28.22 2.96 19.19
CA ARG A 54 -27.93 3.21 20.61
C ARG A 54 -27.38 1.96 21.30
N GLU A 55 -27.87 0.78 20.88
CA GLU A 55 -27.46 -0.52 21.41
C GLU A 55 -26.12 -0.92 20.90
N LEU A 56 -25.78 -0.45 19.68
CA LEU A 56 -24.50 -0.70 18.99
C LEU A 56 -23.43 0.25 19.51
N VAL A 57 -23.78 1.52 19.82
CA VAL A 57 -22.87 2.51 20.38
C VAL A 57 -22.40 1.98 21.73
N LYS A 58 -23.34 1.49 22.55
CA LYS A 58 -23.07 0.90 23.85
C LYS A 58 -22.07 -0.25 23.79
N HIS A 59 -22.25 -1.21 22.86
CA HIS A 59 -21.33 -2.34 22.76
C HIS A 59 -20.07 -1.99 22.01
N LYS A 60 -19.87 -0.67 21.73
CA LYS A 60 -18.70 -0.06 21.09
C LYS A 60 -18.35 -0.70 19.73
N LEU A 61 -19.39 -1.24 19.04
CA LEU A 61 -19.21 -1.83 17.71
C LEU A 61 -19.28 -0.68 16.70
N ILE A 62 -19.92 0.45 17.10
CA ILE A 62 -20.01 1.66 16.29
C ILE A 62 -19.74 2.87 17.20
N ALA A 63 -19.53 4.07 16.61
CA ALA A 63 -19.29 5.35 17.33
C ALA A 63 -19.94 6.53 16.60
N TRP A 64 -20.36 7.56 17.35
CA TRP A 64 -21.02 8.76 16.85
C TRP A 64 -20.13 10.00 16.85
N GLU A 65 -20.16 10.79 15.75
CA GLU A 65 -19.34 12.01 15.61
C GLU A 65 -19.99 13.17 14.87
N ARG A 66 -19.47 14.40 15.11
CA ARG A 66 -19.90 15.68 14.54
C ARG A 66 -19.38 15.94 13.11
N THR A 69 -18.84 21.04 9.40
CA THR A 69 -19.11 19.63 9.09
C THR A 69 -20.24 19.04 9.95
N VAL A 70 -20.95 18.03 9.39
CA VAL A 70 -22.10 17.29 9.95
C VAL A 70 -22.11 15.83 9.43
N GLN A 71 -22.44 14.75 10.23
CA GLN A 71 -22.83 14.49 11.63
C GLN A 71 -23.42 13.04 11.57
N GLY A 72 -22.77 12.04 12.18
CA GLY A 72 -23.29 10.69 12.12
C GLY A 72 -22.49 9.56 12.73
N TYR A 73 -22.52 8.36 12.08
CA TYR A 73 -21.90 7.11 12.53
C TYR A 73 -20.78 6.52 11.67
N ARG A 74 -19.81 5.91 12.37
CA ARG A 74 -18.68 5.15 11.82
C ARG A 74 -18.63 3.80 12.53
N LEU A 75 -18.22 2.77 11.80
CA LEU A 75 -17.99 1.42 12.28
C LEU A 75 -16.66 1.50 13.06
N THR A 76 -16.52 0.81 14.19
CA THR A 76 -15.24 0.85 14.91
C THR A 76 -14.36 -0.34 14.48
N ASN A 77 -13.13 -0.45 15.05
CA ASN A 77 -12.22 -1.58 14.82
C ASN A 77 -12.93 -2.85 15.33
N ALA A 78 -13.59 -2.76 16.50
CA ALA A 78 -14.36 -3.86 17.11
C ALA A 78 -15.58 -4.26 16.29
N GLY A 79 -16.17 -3.31 15.55
CA GLY A 79 -17.35 -3.55 14.72
C GLY A 79 -17.03 -4.35 13.49
N TYR A 80 -15.96 -3.92 12.78
CA TYR A 80 -15.42 -4.51 11.56
C TYR A 80 -14.94 -5.92 11.90
N ASP A 81 -14.21 -6.07 13.03
CA ASP A 81 -13.72 -7.34 13.59
C ASP A 81 -14.90 -8.28 13.76
N TYR A 82 -15.99 -7.81 14.44
CA TYR A 82 -17.22 -8.60 14.69
C TYR A 82 -17.91 -9.02 13.41
N LEU A 83 -18.08 -8.11 12.43
CA LEU A 83 -18.73 -8.38 11.14
C LEU A 83 -18.03 -9.55 10.42
N ALA A 84 -16.69 -9.51 10.36
CA ALA A 84 -15.88 -10.55 9.73
C ALA A 84 -15.88 -11.85 10.54
N LEU A 85 -15.73 -11.77 11.88
CA LEU A 85 -15.68 -12.95 12.74
C LEU A 85 -17.00 -13.74 12.78
N LYS A 86 -18.15 -13.02 12.80
CA LYS A 86 -19.50 -13.58 12.75
C LYS A 86 -19.79 -14.21 11.38
N THR A 87 -19.27 -13.61 10.28
CA THR A 87 -19.46 -14.15 8.91
C THR A 87 -18.69 -15.45 8.80
N LEU A 88 -17.44 -15.45 9.29
CA LEU A 88 -16.59 -16.64 9.28
C LEU A 88 -17.20 -17.75 10.13
N SER A 89 -17.86 -17.39 11.25
CA SER A 89 -18.53 -18.30 12.19
C SER A 89 -19.67 -19.05 11.52
N SER A 90 -20.46 -18.33 10.68
CA SER A 90 -21.59 -18.83 9.87
C SER A 90 -21.16 -19.97 8.96
N ARG A 91 -19.87 -19.98 8.59
CA ARG A 91 -19.25 -20.98 7.72
C ARG A 91 -18.56 -22.10 8.55
N GLN A 92 -18.44 -21.89 9.89
CA GLN A 92 -17.82 -22.79 10.88
C GLN A 92 -16.30 -22.90 10.66
N VAL A 93 -15.67 -21.72 10.42
CA VAL A 93 -14.22 -21.48 10.20
C VAL A 93 -13.67 -20.92 11.52
N VAL A 94 -14.51 -20.19 12.27
CA VAL A 94 -14.15 -19.61 13.57
C VAL A 94 -15.32 -19.84 14.51
N GLU A 95 -15.03 -20.44 15.68
CA GLU A 95 -15.98 -20.73 16.76
C GLU A 95 -15.52 -20.02 18.05
N SER A 96 -14.21 -19.74 18.16
CA SER A 96 -13.60 -19.05 19.30
C SER A 96 -12.31 -18.29 18.93
N VAL A 97 -12.20 -17.06 19.44
CA VAL A 97 -11.05 -16.17 19.23
C VAL A 97 -10.26 -16.12 20.53
N GLY A 98 -8.95 -16.15 20.40
CA GLY A 98 -8.05 -16.10 21.54
C GLY A 98 -7.39 -14.76 21.71
N ASN A 99 -6.23 -14.76 22.38
CA ASN A 99 -5.45 -13.56 22.63
C ASN A 99 -4.59 -13.24 21.42
N GLN A 100 -4.15 -11.98 21.34
CA GLN A 100 -3.24 -11.55 20.29
C GLN A 100 -1.88 -12.14 20.66
N MET A 101 -1.28 -12.84 19.72
CA MET A 101 0.01 -13.49 19.89
C MET A 101 1.04 -12.99 18.87
N GLY A 102 0.57 -12.17 17.93
CA GLY A 102 1.40 -11.59 16.89
C GLY A 102 0.87 -10.35 16.21
N VAL A 103 1.71 -9.83 15.33
CA VAL A 103 1.54 -8.66 14.48
C VAL A 103 2.29 -8.88 13.16
N GLY A 104 1.70 -8.38 12.09
CA GLY A 104 2.29 -8.30 10.75
C GLY A 104 2.54 -6.82 10.53
N LYS A 105 3.07 -6.44 9.39
CA LYS A 105 3.33 -5.02 9.10
C LYS A 105 2.07 -4.13 9.21
N GLU A 106 0.94 -4.60 8.66
CA GLU A 106 -0.36 -3.90 8.69
C GLU A 106 -1.51 -4.84 9.16
N SER A 107 -1.25 -5.63 10.23
CA SER A 107 -2.21 -6.62 10.72
C SER A 107 -1.89 -7.13 12.13
N ASP A 108 -2.91 -7.64 12.81
CA ASP A 108 -2.79 -8.25 14.12
C ASP A 108 -3.11 -9.73 13.97
N ILE A 109 -2.22 -10.58 14.48
CA ILE A 109 -2.31 -12.03 14.47
C ILE A 109 -2.93 -12.48 15.77
N TYR A 110 -3.79 -13.50 15.70
CA TYR A 110 -4.55 -14.11 16.79
C TYR A 110 -4.62 -15.60 16.52
N ILE A 111 -4.88 -16.39 17.57
CA ILE A 111 -5.09 -17.82 17.42
C ILE A 111 -6.60 -18.08 17.51
N VAL A 112 -7.16 -18.78 16.52
CA VAL A 112 -8.60 -19.11 16.50
C VAL A 112 -8.82 -20.64 16.48
N ALA A 113 -10.08 -21.10 16.63
CA ALA A 113 -10.48 -22.53 16.61
C ALA A 113 -11.82 -22.72 15.91
N ASN A 114 -11.95 -23.79 15.10
CA ASN A 114 -13.21 -24.09 14.40
C ASN A 114 -14.17 -24.82 15.35
N GLU A 115 -15.23 -25.46 14.82
CA GLU A 115 -16.21 -26.23 15.62
C GLU A 115 -15.55 -27.49 16.17
N GLU A 116 -14.73 -28.17 15.34
CA GLU A 116 -13.99 -29.41 15.64
C GLU A 116 -12.86 -29.22 16.67
N GLY A 117 -12.55 -27.98 17.04
CA GLY A 117 -11.51 -27.69 18.01
C GLY A 117 -10.12 -27.60 17.41
N GLN A 118 -10.04 -27.60 16.07
CA GLN A 118 -8.77 -27.46 15.36
C GLN A 118 -8.37 -25.99 15.36
N GLN A 119 -7.13 -25.71 15.76
CA GLN A 119 -6.58 -24.35 15.86
C GLN A 119 -5.99 -23.82 14.53
N PHE A 120 -6.33 -22.57 14.19
CA PHE A 120 -5.86 -21.84 13.00
C PHE A 120 -5.42 -20.44 13.38
N ALA A 121 -4.61 -19.82 12.53
CA ALA A 121 -4.20 -18.45 12.75
C ALA A 121 -5.20 -17.55 12.06
N LEU A 122 -5.39 -16.32 12.60
CA LEU A 122 -6.24 -15.27 12.03
C LEU A 122 -5.49 -13.93 11.92
N LYS A 123 -5.50 -13.32 10.70
CA LYS A 123 -4.90 -12.02 10.46
C LYS A 123 -5.98 -10.96 10.28
N LEU A 124 -5.96 -9.94 11.16
CA LEU A 124 -6.91 -8.82 11.11
C LEU A 124 -6.16 -7.64 10.61
N HIS A 125 -6.44 -7.23 9.37
CA HIS A 125 -5.70 -6.17 8.68
C HIS A 125 -6.19 -4.78 9.03
N ARG A 126 -5.26 -3.93 9.40
CA ARG A 126 -5.55 -2.56 9.83
C ARG A 126 -4.61 -1.60 9.11
N LEU A 127 -5.16 -0.88 8.12
CA LEU A 127 -4.47 0.04 7.21
C LEU A 127 -5.42 1.19 6.82
N GLY A 128 -4.90 2.39 6.77
CA GLY A 128 -5.66 3.59 6.44
C GLY A 128 -5.76 4.56 7.60
N ARG A 129 -5.51 5.84 7.34
CA ARG A 129 -5.59 6.87 8.38
C ARG A 129 -6.80 7.82 8.12
N THR A 130 -7.83 7.31 7.42
CA THR A 130 -9.10 7.99 7.05
C THR A 130 -10.16 6.89 6.95
N ASN A 147 -11.32 7.08 7.62
CA ASN A 147 -12.44 6.13 7.71
C ASN A 147 -12.78 5.38 6.46
N VAL A 148 -12.93 6.12 5.36
CA VAL A 148 -13.28 5.64 4.03
C VAL A 148 -12.15 4.76 3.47
N SER A 149 -10.89 5.18 3.63
CA SER A 149 -9.71 4.45 3.17
C SER A 149 -9.28 3.36 4.19
N TRP A 150 -9.84 3.39 5.37
CA TRP A 150 -9.53 2.38 6.36
C TRP A 150 -10.28 1.09 6.02
N LEU A 151 -11.62 1.10 5.92
CA LEU A 151 -12.32 -0.15 5.61
C LEU A 151 -12.08 -0.58 4.17
N TYR A 152 -11.72 0.36 3.27
CA TYR A 152 -11.40 0.00 1.90
C TYR A 152 -10.00 -0.67 1.78
N LEU A 153 -8.93 -0.03 2.32
CA LEU A 153 -7.56 -0.54 2.24
C LEU A 153 -7.29 -1.78 3.10
N SER A 154 -8.01 -1.93 4.23
CA SER A 154 -7.86 -3.09 5.13
C SER A 154 -8.47 -4.31 4.48
N ARG A 155 -9.55 -4.11 3.69
CA ARG A 155 -10.21 -5.16 2.92
C ARG A 155 -9.29 -5.59 1.76
N LEU A 156 -8.73 -4.62 1.00
CA LEU A 156 -7.81 -4.88 -0.11
C LEU A 156 -6.55 -5.58 0.37
N SER A 157 -6.00 -5.20 1.53
CA SER A 157 -4.79 -5.75 2.16
C SER A 157 -5.01 -7.23 2.51
N ALA A 158 -6.25 -7.57 2.92
CA ALA A 158 -6.69 -8.94 3.22
C ALA A 158 -6.86 -9.75 1.92
N MET A 159 -7.42 -9.09 0.86
CA MET A 159 -7.60 -9.65 -0.48
C MET A 159 -6.23 -10.00 -1.07
N LYS A 160 -5.23 -9.13 -0.88
CA LYS A 160 -3.85 -9.30 -1.36
C LYS A 160 -3.14 -10.50 -0.70
N GLU A 161 -3.26 -10.65 0.62
CA GLU A 161 -2.64 -11.74 1.39
C GLU A 161 -3.18 -13.12 1.05
N PHE A 162 -4.51 -13.26 0.85
CA PHE A 162 -5.18 -14.52 0.50
C PHE A 162 -4.87 -14.92 -0.93
N ALA A 163 -4.89 -13.94 -1.85
CA ALA A 163 -4.56 -14.12 -3.26
C ALA A 163 -3.10 -14.57 -3.43
N TYR A 164 -2.15 -13.87 -2.78
CA TYR A 164 -0.73 -14.20 -2.88
C TYR A 164 -0.35 -15.45 -2.11
N MET A 165 -1.00 -15.75 -0.98
CA MET A 165 -0.75 -17.02 -0.27
C MET A 165 -1.27 -18.21 -1.11
N LYS A 166 -2.47 -18.09 -1.74
CA LYS A 166 -3.05 -19.12 -2.63
C LYS A 166 -2.09 -19.37 -3.82
N ALA A 167 -1.71 -18.30 -4.55
CA ALA A 167 -0.75 -18.32 -5.64
C ALA A 167 0.59 -18.96 -5.23
N LEU A 168 1.22 -18.51 -4.10
CA LEU A 168 2.51 -19.04 -3.61
C LEU A 168 2.43 -20.48 -3.12
N TYR A 169 1.43 -20.82 -2.29
CA TYR A 169 1.19 -22.15 -1.72
C TYR A 169 1.00 -23.19 -2.81
N GLU A 170 0.34 -22.81 -3.93
CA GLU A 170 0.12 -23.67 -5.10
C GLU A 170 1.41 -24.01 -5.81
N ARG A 171 2.43 -23.15 -5.65
CA ARG A 171 3.76 -23.25 -6.27
C ARG A 171 4.83 -23.87 -5.36
N LYS A 172 4.36 -24.47 -4.24
CA LYS A 172 5.12 -25.20 -3.21
C LYS A 172 6.08 -24.29 -2.42
N PHE A 173 5.69 -23.02 -2.22
CA PHE A 173 6.44 -22.03 -1.43
C PHE A 173 6.16 -22.24 0.06
N PRO A 174 7.16 -22.00 0.95
CA PRO A 174 6.92 -22.19 2.40
C PRO A 174 6.12 -21.04 3.04
N VAL A 175 4.81 -21.14 2.89
CA VAL A 175 3.84 -20.17 3.41
C VAL A 175 2.72 -20.96 4.12
N PRO A 176 1.95 -20.43 5.09
CA PRO A 176 0.84 -21.26 5.63
C PRO A 176 -0.24 -21.56 4.58
N LYS A 177 -1.07 -22.59 4.82
CA LYS A 177 -2.15 -22.92 3.91
C LYS A 177 -3.26 -21.88 4.06
N PRO A 178 -3.75 -21.28 2.96
CA PRO A 178 -4.86 -20.32 3.09
C PRO A 178 -6.17 -21.05 3.34
N ILE A 179 -6.96 -20.64 4.36
CA ILE A 179 -8.18 -21.35 4.73
C ILE A 179 -9.46 -20.65 4.25
N ASP A 180 -9.63 -19.36 4.62
CA ASP A 180 -10.78 -18.51 4.27
C ASP A 180 -10.50 -17.03 4.49
N TYR A 181 -11.30 -16.18 3.86
CA TYR A 181 -11.19 -14.73 3.94
C TYR A 181 -12.57 -14.12 4.06
N ASN A 182 -12.60 -12.94 4.66
CA ASN A 182 -13.75 -12.06 4.79
C ASN A 182 -13.25 -10.70 5.23
N ARG A 183 -13.69 -9.65 4.50
CA ARG A 183 -13.37 -8.26 4.80
C ARG A 183 -11.87 -8.06 4.91
N HIS A 184 -11.37 -7.79 6.11
CA HIS A 184 -9.97 -7.54 6.52
C HIS A 184 -9.38 -8.75 7.27
N ALA A 185 -10.13 -9.86 7.40
CA ALA A 185 -9.79 -11.08 8.15
C ALA A 185 -9.33 -12.21 7.25
N VAL A 186 -8.14 -12.78 7.54
CA VAL A 186 -7.62 -13.91 6.74
C VAL A 186 -7.32 -15.08 7.69
N VAL A 187 -7.98 -16.23 7.46
CA VAL A 187 -7.79 -17.47 8.25
C VAL A 187 -6.79 -18.34 7.50
N MET A 188 -5.77 -18.85 8.22
CA MET A 188 -4.68 -19.65 7.66
C MET A 188 -4.12 -20.70 8.63
N GLU A 189 -3.31 -21.64 8.09
CA GLU A 189 -2.67 -22.71 8.83
C GLU A 189 -1.83 -22.11 9.93
N LEU A 190 -1.98 -22.65 11.14
CA LEU A 190 -1.16 -22.19 12.26
C LEU A 190 0.15 -22.94 12.16
N ILE A 191 1.23 -22.17 12.10
CA ILE A 191 2.55 -22.76 12.02
C ILE A 191 3.07 -22.94 13.44
N ASN A 192 3.43 -24.19 13.78
CA ASN A 192 3.95 -24.53 15.09
C ASN A 192 5.44 -24.19 15.07
N GLY A 193 5.79 -23.15 15.81
CA GLY A 193 7.15 -22.63 15.92
C GLY A 193 7.18 -21.16 16.26
N TYR A 194 8.39 -20.60 16.43
CA TYR A 194 8.56 -19.20 16.81
C TYR A 194 9.22 -18.32 15.72
N PRO A 195 8.99 -16.98 15.73
CA PRO A 195 9.71 -16.11 14.78
C PRO A 195 11.18 -16.08 15.16
N LEU A 196 12.08 -15.90 14.17
CA LEU A 196 13.51 -15.88 14.35
C LEU A 196 14.00 -14.83 15.37
N CYS A 197 13.22 -13.77 15.60
CA CYS A 197 13.56 -12.76 16.59
C CYS A 197 13.49 -13.33 18.02
N GLN A 198 12.74 -14.41 18.21
CA GLN A 198 12.56 -15.09 19.49
C GLN A 198 13.55 -16.24 19.68
N ILE A 199 14.26 -16.64 18.61
CA ILE A 199 15.22 -17.74 18.66
C ILE A 199 16.66 -17.22 18.83
N HIS A 200 17.27 -17.56 19.99
CA HIS A 200 18.63 -17.21 20.36
C HIS A 200 19.62 -18.35 20.10
N HIS A 201 19.11 -19.60 20.05
CA HIS A 201 19.92 -20.81 19.82
C HIS A 201 19.35 -21.77 18.75
N VAL A 202 20.13 -21.98 17.66
CA VAL A 202 19.83 -22.91 16.56
C VAL A 202 20.84 -24.05 16.57
N GLU A 203 20.43 -25.25 16.12
CA GLU A 203 21.33 -26.41 16.05
C GLU A 203 22.57 -26.05 15.21
N ASP A 204 22.35 -25.40 14.04
CA ASP A 204 23.40 -24.92 13.16
C ASP A 204 22.90 -23.74 12.31
N PRO A 205 23.50 -22.53 12.48
CA PRO A 205 23.04 -21.37 11.70
C PRO A 205 23.35 -21.43 10.20
N ALA A 206 24.25 -22.33 9.75
CA ALA A 206 24.63 -22.50 8.35
C ALA A 206 23.49 -22.97 7.45
N SER A 207 22.61 -23.85 7.94
CA SER A 207 21.46 -24.39 7.19
C SER A 207 20.25 -23.45 7.19
N VAL A 208 19.94 -22.85 8.35
CA VAL A 208 18.85 -21.90 8.54
C VAL A 208 19.15 -20.58 7.77
N TYR A 209 20.43 -20.16 7.69
CA TYR A 209 20.87 -18.99 6.92
C TYR A 209 20.68 -19.25 5.42
N ASP A 210 21.11 -20.42 4.92
CA ASP A 210 21.03 -20.77 3.49
C ASP A 210 19.59 -20.90 2.99
N GLU A 211 18.71 -21.47 3.82
CA GLU A 211 17.28 -21.66 3.52
C GLU A 211 16.55 -20.30 3.31
N ALA A 212 16.94 -19.26 4.08
CA ALA A 212 16.36 -17.91 3.97
C ALA A 212 16.85 -17.27 2.68
N MET A 213 18.16 -17.45 2.34
CA MET A 213 18.79 -16.95 1.11
C MET A 213 18.21 -17.63 -0.15
N GLU A 214 17.86 -18.93 -0.02
CA GLU A 214 17.24 -19.74 -1.08
C GLU A 214 15.81 -19.31 -1.33
N LEU A 215 15.13 -18.85 -0.27
CA LEU A 215 13.76 -18.34 -0.33
C LEU A 215 13.76 -17.00 -1.07
N ILE A 216 14.80 -16.16 -0.84
CA ILE A 216 15.02 -14.88 -1.51
C ILE A 216 15.16 -15.17 -3.01
N VAL A 217 16.13 -16.05 -3.42
CA VAL A 217 16.41 -16.38 -4.82
C VAL A 217 15.19 -17.03 -5.48
N LYS A 218 14.46 -17.93 -4.74
CA LYS A 218 13.26 -18.63 -5.21
C LYS A 218 12.16 -17.63 -5.57
N LEU A 219 11.84 -16.70 -4.66
CA LEU A 219 10.83 -15.66 -4.86
C LEU A 219 11.18 -14.87 -6.12
N ALA A 220 12.46 -14.45 -6.21
CA ALA A 220 13.06 -13.70 -7.34
C ALA A 220 12.95 -14.42 -8.68
N ASN A 221 13.11 -15.76 -8.69
CA ASN A 221 13.00 -16.61 -9.89
C ASN A 221 11.59 -16.61 -10.40
N HIS A 222 10.62 -16.36 -9.48
CA HIS A 222 9.17 -16.26 -9.76
C HIS A 222 8.69 -14.79 -9.98
N GLY A 223 9.64 -13.86 -10.03
CA GLY A 223 9.38 -12.44 -10.32
C GLY A 223 8.98 -11.57 -9.15
N LEU A 224 9.22 -12.03 -7.93
CA LEU A 224 8.86 -11.31 -6.72
C LEU A 224 10.04 -11.04 -5.79
N ILE A 225 9.99 -9.90 -5.10
CA ILE A 225 10.93 -9.49 -4.07
C ILE A 225 10.06 -9.12 -2.90
N HIS A 226 10.28 -9.78 -1.75
CA HIS A 226 9.54 -9.57 -0.50
C HIS A 226 9.34 -8.10 -0.10
N GLY A 227 10.43 -7.36 0.09
CA GLY A 227 10.41 -5.97 0.51
C GLY A 227 10.60 -5.74 2.01
N ASP A 228 10.32 -6.76 2.86
CA ASP A 228 10.47 -6.65 4.32
C ASP A 228 11.01 -7.97 4.90
N PHE A 229 11.92 -8.66 4.18
CA PHE A 229 12.45 -9.96 4.59
C PHE A 229 13.19 -9.84 5.89
N ASN A 230 12.54 -10.23 7.01
CA ASN A 230 13.15 -10.15 8.33
C ASN A 230 12.69 -11.23 9.32
N GLU A 231 13.35 -11.22 10.49
CA GLU A 231 13.21 -12.11 11.63
C GLU A 231 11.84 -12.04 12.34
N PHE A 232 10.97 -11.09 11.93
CA PHE A 232 9.62 -10.89 12.50
C PHE A 232 8.54 -11.52 11.58
N ASN A 233 8.92 -11.90 10.35
CA ASN A 233 8.05 -12.51 9.33
C ASN A 233 8.43 -13.96 9.06
N LEU A 234 9.63 -14.36 9.48
CA LEU A 234 10.09 -15.73 9.32
C LEU A 234 9.93 -16.50 10.63
N ILE A 235 9.25 -17.67 10.56
CA ILE A 235 8.96 -18.58 11.68
C ILE A 235 9.78 -19.87 11.53
N LEU A 236 10.46 -20.27 12.60
CA LEU A 236 11.29 -21.48 12.66
C LEU A 236 10.54 -22.61 13.38
N ASP A 237 10.30 -23.75 12.68
CA ASP A 237 9.56 -24.90 13.24
C ASP A 237 10.47 -25.92 13.99
N GLU A 238 9.91 -27.11 14.34
CA GLU A 238 10.56 -28.21 15.07
C GLU A 238 11.92 -28.62 14.47
N SER A 239 11.95 -28.96 13.16
CA SER A 239 13.16 -29.35 12.41
C SER A 239 13.88 -28.17 11.74
N ASP A 240 13.66 -26.94 12.31
CA ASP A 240 14.25 -25.66 11.95
C ASP A 240 13.96 -25.19 10.50
N HIS A 241 12.70 -25.26 10.08
CA HIS A 241 12.34 -24.78 8.75
C HIS A 241 11.69 -23.41 8.83
N ILE A 242 11.80 -22.62 7.75
CA ILE A 242 11.31 -21.24 7.61
C ILE A 242 9.94 -21.20 6.92
N THR A 243 9.05 -20.34 7.43
CA THR A 243 7.73 -20.09 6.84
C THR A 243 7.52 -18.60 6.75
N MET A 244 7.14 -18.12 5.54
CA MET A 244 6.84 -16.71 5.27
C MET A 244 5.40 -16.45 5.72
N ILE A 245 5.27 -15.50 6.64
CA ILE A 245 4.01 -15.23 7.34
C ILE A 245 3.31 -13.96 6.89
N ASP A 246 4.10 -12.92 6.52
CA ASP A 246 3.66 -11.58 6.16
C ASP A 246 4.50 -11.14 4.98
N PHE A 247 3.85 -10.67 3.91
CA PHE A 247 4.50 -10.19 2.66
C PHE A 247 3.58 -9.10 2.04
N PRO A 248 3.38 -7.98 2.78
CA PRO A 248 2.39 -6.98 2.34
C PRO A 248 2.75 -6.03 1.21
N GLN A 249 4.04 -5.77 0.95
CA GLN A 249 4.49 -4.77 -0.02
C GLN A 249 5.56 -5.30 -0.94
N MET A 250 5.21 -6.35 -1.70
CA MET A 250 6.14 -6.97 -2.63
C MET A 250 6.47 -6.08 -3.83
N VAL A 251 7.68 -6.28 -4.35
CA VAL A 251 8.29 -5.59 -5.47
C VAL A 251 8.46 -6.63 -6.59
N SER A 252 8.13 -6.23 -7.83
CA SER A 252 8.28 -7.06 -9.02
C SER A 252 9.78 -6.95 -9.41
N THR A 253 10.40 -8.07 -9.85
CA THR A 253 11.81 -8.08 -10.29
C THR A 253 11.99 -7.23 -11.57
N SER A 254 10.89 -6.82 -12.19
CA SER A 254 10.88 -5.98 -13.39
C SER A 254 11.02 -4.49 -13.03
N HIS A 255 10.92 -4.19 -11.73
CA HIS A 255 11.02 -2.83 -11.20
C HIS A 255 12.35 -2.17 -11.60
N PRO A 256 12.37 -0.88 -12.03
CA PRO A 256 13.66 -0.22 -12.32
C PRO A 256 14.69 -0.36 -11.19
N ASN A 257 14.24 -0.32 -9.89
CA ASN A 257 15.10 -0.41 -8.68
C ASN A 257 15.04 -1.77 -7.97
N ALA A 258 14.61 -2.84 -8.67
CA ALA A 258 14.51 -4.19 -8.13
C ALA A 258 15.76 -4.74 -7.45
N GLU A 259 16.96 -4.52 -8.02
CA GLU A 259 18.25 -4.96 -7.47
C GLU A 259 18.53 -4.33 -6.10
N TRP A 260 18.02 -3.13 -5.88
CA TRP A 260 18.16 -2.44 -4.60
C TRP A 260 17.31 -3.16 -3.53
N TYR A 261 16.06 -3.46 -3.88
CA TYR A 261 15.12 -4.15 -3.00
C TYR A 261 15.59 -5.57 -2.68
N PHE A 262 16.13 -6.29 -3.67
CA PHE A 262 16.65 -7.64 -3.53
C PHE A 262 17.77 -7.69 -2.48
N ASP A 263 18.82 -6.86 -2.70
CA ASP A 263 19.99 -6.73 -1.85
C ASP A 263 19.65 -6.29 -0.45
N ARG A 264 18.68 -5.34 -0.29
CA ARG A 264 18.24 -4.83 1.04
C ARG A 264 17.72 -6.01 1.90
N ASP A 265 16.92 -6.90 1.29
CA ASP A 265 16.38 -8.11 1.89
C ASP A 265 17.49 -9.08 2.23
N VAL A 266 18.55 -9.18 1.39
CA VAL A 266 19.72 -10.04 1.63
C VAL A 266 20.49 -9.53 2.85
N LYS A 267 20.84 -8.23 2.85
CA LYS A 267 21.57 -7.56 3.94
C LYS A 267 20.84 -7.65 5.27
N CYS A 268 19.49 -7.59 5.29
CA CYS A 268 18.69 -7.74 6.52
C CYS A 268 18.89 -9.12 7.14
N ILE A 269 19.08 -10.15 6.30
CA ILE A 269 19.34 -11.50 6.78
C ILE A 269 20.78 -11.59 7.29
N LYS A 270 21.74 -11.00 6.57
CA LYS A 270 23.14 -10.96 6.98
C LYS A 270 23.28 -10.18 8.30
N ASP A 271 22.57 -9.04 8.46
CA ASP A 271 22.56 -8.21 9.69
C ASP A 271 22.02 -9.01 10.88
N PHE A 272 20.91 -9.76 10.67
CA PHE A 272 20.30 -10.57 11.71
C PHE A 272 21.18 -11.72 12.17
N PHE A 273 21.64 -12.59 11.25
CA PHE A 273 22.48 -13.75 11.56
C PHE A 273 23.82 -13.38 12.24
N MET A 274 24.41 -12.24 11.82
CA MET A 274 25.66 -11.71 12.35
C MET A 274 25.50 -11.22 13.80
N LYS A 275 24.32 -10.72 14.16
CA LYS A 275 24.10 -10.22 15.53
C LYS A 275 23.48 -11.26 16.44
N ARG A 276 22.51 -12.04 15.93
CA ARG A 276 21.84 -13.07 16.72
C ARG A 276 22.69 -14.30 17.01
N PHE A 277 23.36 -14.86 15.98
CA PHE A 277 24.17 -16.07 16.08
C PHE A 277 25.63 -15.86 15.71
N SER A 278 25.99 -14.64 15.26
CA SER A 278 27.32 -14.26 14.80
C SER A 278 27.78 -15.09 13.58
N TYR A 279 26.80 -15.52 12.75
CA TYR A 279 27.05 -16.27 11.52
C TYR A 279 27.21 -15.30 10.36
N GLU A 280 28.46 -15.17 9.93
CA GLU A 280 28.97 -14.38 8.82
C GLU A 280 29.29 -15.41 7.73
N SER A 281 28.97 -15.09 6.46
CA SER A 281 29.21 -16.00 5.33
C SER A 281 29.37 -15.21 4.02
N GLU A 282 29.91 -15.88 2.98
CA GLU A 282 30.10 -15.29 1.65
C GLU A 282 29.15 -15.94 0.62
N LEU A 283 28.36 -16.94 1.07
CA LEU A 283 27.33 -17.64 0.30
C LEU A 283 26.04 -16.76 0.32
N PHE A 284 26.14 -15.54 -0.25
CA PHE A 284 25.02 -14.61 -0.35
C PHE A 284 24.70 -14.31 -1.83
N PRO A 285 23.40 -14.21 -2.20
CA PRO A 285 23.06 -13.99 -3.61
C PRO A 285 23.20 -12.55 -4.12
N THR A 286 23.15 -12.42 -5.47
CA THR A 286 23.21 -11.18 -6.23
C THR A 286 22.08 -11.21 -7.26
N PHE A 287 21.65 -10.03 -7.76
CA PHE A 287 20.59 -9.90 -8.75
C PHE A 287 20.91 -10.57 -10.11
N LYS A 288 22.21 -10.74 -10.46
CA LYS A 288 22.63 -11.41 -11.69
C LYS A 288 22.42 -12.95 -11.66
N ASP A 289 22.30 -13.53 -10.43
CA ASP A 289 22.07 -14.96 -10.18
C ASP A 289 20.62 -15.39 -10.46
N ILE A 290 19.71 -14.43 -10.63
CA ILE A 290 18.31 -14.70 -10.86
C ILE A 290 18.05 -15.20 -12.29
N ARG A 291 17.41 -16.38 -12.38
CA ARG A 291 16.99 -17.01 -13.62
C ARG A 291 15.46 -17.17 -13.62
N ARG A 292 14.78 -16.36 -14.46
CA ARG A 292 13.31 -16.33 -14.61
C ARG A 292 12.76 -17.62 -15.24
N GLU A 293 11.48 -17.90 -15.00
CA GLU A 293 10.85 -19.11 -15.53
C GLU A 293 9.48 -18.86 -16.17
N ASP A 294 8.45 -18.76 -15.33
CA ASP A 294 7.08 -18.51 -15.76
C ASP A 294 6.81 -17.03 -15.66
N THR A 295 7.39 -16.45 -14.61
CA THR A 295 7.32 -15.03 -14.24
C THR A 295 6.88 -14.04 -15.32
N LEU A 296 5.57 -13.78 -15.41
CA LEU A 296 4.71 -13.42 -14.28
C LEU A 296 4.03 -14.60 -13.62
N ASP A 297 2.97 -15.07 -14.26
CA ASP A 297 2.22 -16.20 -13.78
C ASP A 297 1.81 -16.07 -12.32
N VAL A 298 2.76 -15.78 -11.43
CA VAL A 298 2.39 -15.67 -10.02
C VAL A 298 1.42 -14.49 -9.80
N GLU A 299 1.69 -13.33 -10.44
CA GLU A 299 0.87 -12.11 -10.41
C GLU A 299 -0.44 -12.33 -11.12
N VAL A 300 -0.41 -13.10 -12.22
CA VAL A 300 -1.55 -13.47 -13.07
C VAL A 300 -2.46 -14.36 -12.23
N SER A 301 -1.86 -15.33 -11.50
CA SER A 301 -2.59 -16.21 -10.59
C SER A 301 -3.16 -15.42 -9.42
N ALA A 302 -2.35 -14.57 -8.78
CA ALA A 302 -2.79 -13.75 -7.67
C ALA A 302 -3.83 -12.71 -8.07
N SER A 303 -3.67 -12.07 -9.24
CA SER A 303 -4.66 -11.12 -9.79
C SER A 303 -6.00 -11.86 -10.05
N GLY A 304 -5.89 -13.07 -10.62
CA GLY A 304 -7.02 -13.95 -10.90
C GLY A 304 -7.87 -14.19 -9.66
N TYR A 305 -7.20 -14.45 -8.50
CA TYR A 305 -7.87 -14.70 -7.23
C TYR A 305 -8.48 -13.46 -6.64
N THR A 306 -7.84 -12.31 -6.87
CA THR A 306 -8.31 -11.01 -6.40
C THR A 306 -9.60 -10.61 -7.15
N LYS A 307 -9.69 -10.88 -8.46
CA LYS A 307 -10.88 -10.59 -9.27
C LYS A 307 -12.10 -11.42 -8.80
N GLU A 308 -11.88 -12.74 -8.56
CA GLU A 308 -12.88 -13.70 -8.07
C GLU A 308 -13.41 -13.23 -6.70
N MET A 309 -12.50 -12.78 -5.80
CA MET A 309 -12.81 -12.28 -4.47
C MET A 309 -13.56 -10.95 -4.55
N GLN A 310 -13.16 -10.04 -5.47
CA GLN A 310 -13.77 -8.73 -5.66
C GLN A 310 -15.20 -8.81 -6.20
N ALA A 311 -15.53 -9.91 -6.93
CA ALA A 311 -16.83 -10.18 -7.53
C ALA A 311 -17.96 -10.26 -6.49
N ASP A 312 -17.61 -10.32 -5.17
CA ASP A 312 -18.58 -10.39 -4.04
C ASP A 312 -18.31 -9.23 -3.05
N ASP A 313 -19.39 -8.56 -2.57
CA ASP A 313 -19.27 -7.42 -1.62
C ASP A 313 -20.57 -7.13 -0.85
N ARG B 10 -5.21 15.38 -27.02
CA ARG B 10 -4.87 16.76 -26.67
C ARG B 10 -5.68 17.74 -27.53
N TYR B 11 -6.40 17.20 -28.54
CA TYR B 11 -7.23 17.92 -29.51
C TYR B 11 -8.71 17.46 -29.41
N MET B 12 -8.97 16.45 -28.55
CA MET B 12 -10.24 15.74 -28.26
C MET B 12 -11.47 16.61 -27.94
N SER B 13 -12.68 16.04 -28.15
CA SER B 13 -13.98 16.68 -27.94
C SER B 13 -14.62 16.39 -26.58
N ARG B 14 -15.62 17.22 -26.20
CA ARG B 14 -16.39 17.16 -24.94
C ARG B 14 -17.20 15.89 -24.86
N ASP B 15 -17.74 15.45 -26.01
CA ASP B 15 -18.57 14.27 -26.15
C ASP B 15 -17.74 12.99 -25.99
N ASP B 16 -16.54 12.96 -26.57
CA ASP B 16 -15.56 11.88 -26.43
C ASP B 16 -15.27 11.66 -24.93
N PHE B 17 -14.92 12.79 -24.24
CA PHE B 17 -14.61 12.95 -22.81
C PHE B 17 -15.68 12.37 -21.87
N ARG B 18 -16.98 12.60 -22.20
CA ARG B 18 -18.11 12.07 -21.41
C ARG B 18 -18.08 10.54 -21.38
N VAL B 19 -17.86 9.91 -22.56
CA VAL B 19 -17.77 8.46 -22.73
C VAL B 19 -16.56 7.89 -21.96
N LEU B 20 -15.45 8.64 -21.96
CA LEU B 20 -14.21 8.33 -21.25
C LEU B 20 -14.41 8.36 -19.73
N THR B 21 -15.12 9.39 -19.21
CA THR B 21 -15.45 9.50 -17.79
C THR B 21 -16.43 8.38 -17.41
N ALA B 22 -17.42 8.06 -18.30
CA ALA B 22 -18.44 7.01 -18.10
C ALA B 22 -17.80 5.63 -17.99
N VAL B 23 -16.64 5.42 -18.67
CA VAL B 23 -15.81 4.22 -18.63
C VAL B 23 -15.07 4.23 -17.27
N GLU B 24 -14.57 5.40 -16.85
CA GLU B 24 -13.92 5.56 -15.54
C GLU B 24 -14.92 5.35 -14.38
N MET B 25 -16.14 5.92 -14.51
CA MET B 25 -17.23 5.83 -13.54
C MET B 25 -17.74 4.39 -13.43
N GLY B 26 -17.84 3.72 -14.58
CA GLY B 26 -18.27 2.33 -14.65
C GLY B 26 -17.22 1.36 -14.12
N MET B 27 -15.96 1.85 -13.97
CA MET B 27 -14.82 1.08 -13.47
C MET B 27 -14.72 1.07 -11.93
N LYS B 28 -15.57 1.88 -11.29
CA LYS B 28 -15.64 1.96 -9.83
C LYS B 28 -16.28 0.69 -9.23
N ASN B 29 -17.15 0.00 -9.99
CA ASN B 29 -17.79 -1.22 -9.49
C ASN B 29 -17.66 -2.44 -10.42
N HIS B 30 -17.20 -2.24 -11.68
CA HIS B 30 -17.01 -3.33 -12.65
C HIS B 30 -15.57 -3.48 -13.05
N GLU B 31 -15.09 -4.72 -13.20
CA GLU B 31 -13.73 -5.00 -13.70
C GLU B 31 -13.63 -4.48 -15.12
N ILE B 32 -14.62 -4.85 -15.94
CA ILE B 32 -14.76 -4.40 -17.32
C ILE B 32 -16.21 -3.87 -17.47
N VAL B 33 -16.35 -2.62 -17.95
CA VAL B 33 -17.66 -1.95 -18.07
C VAL B 33 -18.28 -2.20 -19.47
N PRO B 34 -19.53 -2.74 -19.56
CA PRO B 34 -20.12 -3.01 -20.90
C PRO B 34 -20.66 -1.74 -21.56
N GLY B 35 -20.70 -1.75 -22.89
CA GLY B 35 -21.14 -0.65 -23.73
C GLY B 35 -22.48 -0.02 -23.34
N SER B 36 -23.45 -0.88 -22.95
CA SER B 36 -24.80 -0.52 -22.50
C SER B 36 -24.79 0.30 -21.19
N LEU B 37 -23.83 0.01 -20.29
CA LEU B 37 -23.67 0.70 -19.01
C LEU B 37 -22.99 2.06 -19.23
N ILE B 38 -22.00 2.12 -20.18
CA ILE B 38 -21.27 3.34 -20.55
C ILE B 38 -22.26 4.29 -21.23
N ALA B 39 -23.15 3.74 -22.09
CA ALA B 39 -24.17 4.48 -22.82
C ALA B 39 -25.12 5.23 -21.88
N SER B 40 -25.58 4.56 -20.81
CA SER B 40 -26.47 5.17 -19.81
C SER B 40 -25.78 6.24 -18.95
N ILE B 41 -24.44 6.14 -18.73
CA ILE B 41 -23.69 7.13 -17.95
C ILE B 41 -23.35 8.36 -18.84
N ALA B 42 -23.09 8.15 -20.15
CA ALA B 42 -22.77 9.22 -21.09
C ALA B 42 -24.00 10.04 -21.55
N SER B 43 -24.84 9.47 -22.46
CA SER B 43 -26.10 10.01 -23.03
C SER B 43 -25.98 11.28 -23.91
N LEU B 44 -26.90 11.38 -24.93
CA LEU B 44 -27.10 12.49 -25.88
C LEU B 44 -28.37 12.27 -26.74
N GLY B 47 -28.86 10.03 -30.64
CA GLY B 47 -27.50 10.53 -30.58
C GLY B 47 -26.59 9.63 -29.77
N GLY B 48 -26.37 8.42 -30.28
CA GLY B 48 -25.53 7.41 -29.64
C GLY B 48 -24.03 7.63 -29.76
N CYS B 49 -23.25 6.89 -28.95
CA CYS B 49 -21.79 6.94 -28.95
C CYS B 49 -21.24 5.93 -29.95
N ASN B 50 -20.56 4.84 -29.47
CA ASN B 50 -19.98 3.69 -30.19
C ASN B 50 -18.95 4.05 -31.27
N LYS B 51 -19.06 5.24 -31.89
CA LYS B 51 -18.11 5.79 -32.85
C LYS B 51 -16.97 6.32 -32.00
N VAL B 52 -17.33 7.13 -30.98
CA VAL B 52 -16.41 7.71 -30.00
C VAL B 52 -15.74 6.62 -29.16
N LEU B 53 -16.46 5.51 -28.86
CA LEU B 53 -15.91 4.33 -28.20
C LEU B 53 -14.82 3.72 -29.11
N ARG B 54 -15.10 3.60 -30.45
CA ARG B 54 -14.18 3.07 -31.45
C ARG B 54 -12.96 3.96 -31.65
N GLU B 55 -13.15 5.29 -31.71
CA GLU B 55 -12.09 6.30 -31.84
C GLU B 55 -11.15 6.27 -30.64
N LEU B 56 -11.70 6.03 -29.43
CA LEU B 56 -10.97 5.92 -28.18
C LEU B 56 -10.14 4.63 -28.15
N VAL B 57 -10.67 3.56 -28.77
CA VAL B 57 -10.02 2.26 -28.93
C VAL B 57 -8.84 2.47 -29.91
N LYS B 58 -9.08 3.21 -31.04
CA LYS B 58 -8.09 3.57 -32.08
C LYS B 58 -6.95 4.39 -31.48
N HIS B 59 -7.28 5.40 -30.62
CA HIS B 59 -6.31 6.27 -29.95
C HIS B 59 -5.84 5.68 -28.61
N LYS B 60 -5.93 4.35 -28.49
CA LYS B 60 -5.53 3.46 -27.41
C LYS B 60 -5.81 3.98 -25.97
N LEU B 61 -6.92 4.72 -25.78
CA LEU B 61 -7.32 5.23 -24.47
C LEU B 61 -8.22 4.21 -23.71
N ILE B 62 -8.95 3.33 -24.45
CA ILE B 62 -9.78 2.23 -23.90
C ILE B 62 -9.47 0.90 -24.60
N ALA B 63 -9.64 -0.24 -23.87
CA ALA B 63 -9.39 -1.58 -24.39
C ALA B 63 -10.56 -2.53 -24.12
N TRP B 64 -10.83 -3.44 -25.09
CA TRP B 64 -11.89 -4.44 -25.06
C TRP B 64 -11.41 -5.77 -24.46
N GLU B 65 -12.21 -6.33 -23.54
CA GLU B 65 -11.95 -7.61 -22.88
C GLU B 65 -13.15 -8.53 -23.03
N ARG B 66 -12.91 -9.83 -23.24
CA ARG B 66 -13.95 -10.87 -23.38
C ARG B 66 -14.32 -11.37 -21.97
N THR B 67 -13.29 -11.65 -21.11
CA THR B 67 -13.34 -12.11 -19.71
C THR B 67 -14.31 -13.31 -19.43
N LYS B 68 -14.81 -14.02 -20.48
CA LYS B 68 -15.70 -15.19 -20.35
C LYS B 68 -15.74 -15.98 -21.64
N VAL B 70 -17.29 -11.55 -19.53
CA VAL B 70 -18.54 -10.79 -19.51
C VAL B 70 -18.59 -9.72 -20.60
N GLN B 71 -17.45 -9.52 -21.33
CA GLN B 71 -17.18 -8.63 -22.46
C GLN B 71 -17.57 -7.14 -22.23
N GLY B 72 -16.59 -6.27 -22.44
CA GLY B 72 -16.74 -4.84 -22.24
C GLY B 72 -15.45 -4.05 -22.36
N TYR B 73 -15.37 -2.91 -21.67
CA TYR B 73 -14.20 -2.04 -21.76
C TYR B 73 -13.49 -1.77 -20.43
N ARG B 74 -12.19 -1.46 -20.56
CA ARG B 74 -11.28 -1.04 -19.51
C ARG B 74 -10.58 0.24 -19.94
N LEU B 75 -10.26 1.08 -18.96
CA LEU B 75 -9.56 2.33 -19.18
C LEU B 75 -8.10 1.92 -19.24
N THR B 76 -7.32 2.49 -20.17
CA THR B 76 -5.91 2.12 -20.20
C THR B 76 -5.13 3.10 -19.31
N ASN B 77 -3.79 2.98 -19.24
CA ASN B 77 -2.97 3.93 -18.49
C ASN B 77 -2.94 5.26 -19.26
N ALA B 78 -2.95 5.21 -20.59
CA ALA B 78 -2.99 6.39 -21.48
C ALA B 78 -4.33 7.16 -21.40
N GLY B 79 -5.43 6.43 -21.15
CA GLY B 79 -6.77 6.98 -21.01
C GLY B 79 -6.88 7.76 -19.71
N TYR B 80 -6.52 7.07 -18.59
CA TYR B 80 -6.46 7.57 -17.22
C TYR B 80 -5.60 8.83 -17.15
N ASP B 81 -4.37 8.82 -17.76
CA ASP B 81 -3.44 9.98 -17.80
C ASP B 81 -4.09 11.18 -18.46
N TYR B 82 -4.74 10.95 -19.62
CA TYR B 82 -5.44 11.97 -20.38
C TYR B 82 -6.49 12.68 -19.52
N LEU B 83 -7.41 11.91 -18.89
CA LEU B 83 -8.47 12.41 -17.99
C LEU B 83 -7.90 13.37 -16.94
N ALA B 84 -6.75 12.99 -16.34
CA ALA B 84 -6.05 13.76 -15.32
C ALA B 84 -5.45 15.03 -15.87
N LEU B 85 -4.74 14.95 -17.03
CA LEU B 85 -4.05 16.11 -17.63
C LEU B 85 -4.99 17.11 -18.28
N LYS B 86 -6.06 16.62 -18.95
CA LYS B 86 -7.09 17.46 -19.59
C LYS B 86 -7.81 18.27 -18.49
N THR B 87 -7.80 17.75 -17.23
CA THR B 87 -8.37 18.39 -16.06
C THR B 87 -7.36 19.42 -15.52
N LEU B 88 -6.06 19.06 -15.50
CA LEU B 88 -4.97 19.92 -15.03
C LEU B 88 -4.74 21.11 -15.95
N SER B 89 -5.21 21.01 -17.21
CA SER B 89 -5.17 22.04 -18.25
C SER B 89 -6.39 22.96 -18.09
N SER B 90 -7.53 22.41 -17.61
CA SER B 90 -8.78 23.15 -17.37
C SER B 90 -8.53 24.19 -16.28
N ARG B 91 -7.73 23.79 -15.28
CA ARG B 91 -7.28 24.57 -14.14
C ARG B 91 -6.01 25.38 -14.54
N GLN B 92 -5.60 25.29 -15.83
CA GLN B 92 -4.41 25.90 -16.47
C GLN B 92 -3.15 25.79 -15.57
N VAL B 93 -2.86 24.54 -15.15
CA VAL B 93 -1.73 24.14 -14.29
C VAL B 93 -0.67 23.43 -15.15
N VAL B 94 -1.10 22.50 -16.01
CA VAL B 94 -0.22 21.74 -16.92
C VAL B 94 -0.56 22.11 -18.36
N GLU B 95 0.46 22.48 -19.15
CA GLU B 95 0.29 22.83 -20.56
C GLU B 95 0.92 21.77 -21.47
N SER B 96 2.13 21.27 -21.13
CA SER B 96 2.84 20.26 -21.92
C SER B 96 3.56 19.20 -21.08
N VAL B 97 3.65 17.97 -21.62
CA VAL B 97 4.31 16.82 -20.99
C VAL B 97 5.54 16.43 -21.82
N GLY B 98 6.69 16.39 -21.16
CA GLY B 98 7.96 16.05 -21.79
C GLY B 98 8.38 14.62 -21.54
N ASN B 99 9.70 14.40 -21.57
CA ASN B 99 10.34 13.09 -21.39
C ASN B 99 10.27 12.60 -19.94
N GLN B 100 10.11 11.26 -19.76
CA GLN B 100 10.14 10.65 -18.44
C GLN B 100 11.56 10.79 -17.93
N MET B 101 11.70 11.53 -16.83
CA MET B 101 12.95 11.90 -16.19
C MET B 101 13.28 11.04 -14.93
N GLY B 102 12.64 9.86 -14.83
CA GLY B 102 12.84 8.96 -13.71
C GLY B 102 11.60 8.25 -13.18
N VAL B 103 11.75 7.60 -12.00
CA VAL B 103 10.72 6.83 -11.30
C VAL B 103 10.72 6.98 -9.76
N GLY B 104 9.59 6.60 -9.18
CA GLY B 104 9.34 6.45 -7.76
C GLY B 104 9.06 4.97 -7.57
N LYS B 105 8.64 4.56 -6.36
CA LYS B 105 8.35 3.17 -6.09
C LYS B 105 7.12 2.68 -6.88
N GLU B 106 6.10 3.56 -7.01
CA GLU B 106 4.84 3.28 -7.69
C GLU B 106 4.32 4.51 -8.40
N SER B 107 5.24 5.18 -9.12
CA SER B 107 5.01 6.39 -9.93
C SER B 107 6.05 6.57 -10.98
N ASP B 108 5.67 7.34 -12.02
CA ASP B 108 6.49 7.76 -13.16
C ASP B 108 6.69 9.28 -13.05
N ILE B 109 7.95 9.73 -13.04
CA ILE B 109 8.30 11.14 -12.93
C ILE B 109 8.60 11.73 -14.31
N TYR B 110 7.77 12.71 -14.74
CA TYR B 110 7.98 13.36 -16.03
C TYR B 110 8.30 14.82 -15.79
N ILE B 111 8.67 15.54 -16.87
CA ILE B 111 8.94 16.96 -16.84
C ILE B 111 7.74 17.64 -17.47
N VAL B 112 7.18 18.66 -16.81
CA VAL B 112 6.04 19.39 -17.32
C VAL B 112 6.32 20.92 -17.39
N ALA B 113 5.40 21.68 -18.04
CA ALA B 113 5.45 23.13 -18.22
C ALA B 113 4.04 23.72 -18.24
N ASN B 114 3.88 24.95 -17.74
CA ASN B 114 2.59 25.64 -17.71
C ASN B 114 2.44 26.66 -18.87
N GLU B 115 1.50 27.63 -18.74
CA GLU B 115 1.16 28.69 -19.71
C GLU B 115 2.35 29.62 -20.05
N GLU B 116 3.06 30.10 -19.02
CA GLU B 116 4.21 31.01 -19.12
C GLU B 116 5.49 30.28 -19.56
N GLY B 117 5.50 28.96 -19.39
CA GLY B 117 6.64 28.10 -19.74
C GLY B 117 7.49 27.75 -18.54
N GLN B 118 6.90 27.85 -17.34
CA GLN B 118 7.57 27.52 -16.09
C GLN B 118 7.52 25.99 -15.93
N GLN B 119 8.68 25.35 -15.73
CA GLN B 119 8.81 23.90 -15.57
C GLN B 119 8.53 23.48 -14.12
N PHE B 120 7.88 22.31 -13.96
CA PHE B 120 7.49 21.67 -12.70
C PHE B 120 7.81 20.14 -12.79
N ALA B 121 7.48 19.37 -11.75
CA ALA B 121 7.66 17.91 -11.75
C ALA B 121 6.30 17.19 -11.67
N LEU B 122 6.08 16.17 -12.54
CA LEU B 122 4.82 15.43 -12.58
C LEU B 122 4.95 13.96 -12.22
N LYS B 123 4.20 13.56 -11.18
CA LYS B 123 4.14 12.19 -10.68
C LYS B 123 2.79 11.58 -10.99
N LEU B 124 2.79 10.59 -11.91
CA LEU B 124 1.64 9.78 -12.27
C LEU B 124 1.89 8.43 -11.58
N HIS B 125 0.99 8.03 -10.66
CA HIS B 125 1.06 6.82 -9.83
C HIS B 125 0.33 5.63 -10.46
N ARG B 126 0.90 4.41 -10.35
CA ARG B 126 0.32 3.15 -10.87
C ARG B 126 0.40 2.07 -9.79
N LEU B 127 -0.75 1.61 -9.28
CA LEU B 127 -0.71 0.67 -8.16
C LEU B 127 -1.22 -0.79 -8.37
N GLY B 128 -2.54 -1.00 -8.24
CA GLY B 128 -3.19 -2.31 -8.26
C GLY B 128 -2.88 -3.22 -9.44
N ARG B 129 -3.06 -4.53 -9.26
CA ARG B 129 -2.83 -5.47 -10.37
C ARG B 129 -4.16 -6.10 -10.78
N THR B 130 -5.22 -5.26 -10.71
CA THR B 130 -6.63 -5.53 -11.04
C THR B 130 -7.17 -4.19 -11.50
N ASN B 147 -8.07 -4.16 -12.52
CA ASN B 147 -8.64 -2.91 -13.08
C ASN B 147 -9.26 -2.00 -12.00
N VAL B 148 -10.09 -2.60 -11.09
CA VAL B 148 -10.82 -1.99 -9.95
C VAL B 148 -9.85 -1.38 -8.90
N SER B 149 -8.82 -2.17 -8.52
CA SER B 149 -7.77 -1.81 -7.59
C SER B 149 -6.90 -0.71 -8.16
N TRP B 150 -6.45 -0.90 -9.42
CA TRP B 150 -5.58 0.03 -10.12
C TRP B 150 -6.17 1.44 -10.13
N LEU B 151 -7.41 1.59 -10.57
CA LEU B 151 -8.13 2.85 -10.64
C LEU B 151 -8.23 3.59 -9.29
N TYR B 152 -8.60 2.85 -8.22
CA TYR B 152 -8.79 3.32 -6.84
C TYR B 152 -7.49 3.58 -6.07
N LEU B 153 -6.51 2.68 -6.18
CA LEU B 153 -5.25 2.82 -5.44
C LEU B 153 -4.33 3.87 -6.05
N SER B 154 -4.32 4.00 -7.40
CA SER B 154 -3.47 4.99 -8.04
C SER B 154 -3.87 6.40 -7.57
N ARG B 155 -5.17 6.59 -7.33
CA ARG B 155 -5.81 7.81 -6.83
C ARG B 155 -5.48 8.01 -5.36
N LEU B 156 -5.50 6.94 -4.54
CA LEU B 156 -5.18 7.05 -3.11
C LEU B 156 -3.71 7.34 -2.87
N SER B 157 -2.83 6.74 -3.69
CA SER B 157 -1.38 6.92 -3.69
C SER B 157 -1.01 8.40 -3.91
N ALA B 158 -1.65 9.03 -4.93
CA ALA B 158 -1.46 10.42 -5.32
C ALA B 158 -2.01 11.35 -4.24
N MET B 159 -3.18 11.01 -3.68
CA MET B 159 -3.81 11.74 -2.59
C MET B 159 -2.92 11.78 -1.35
N LYS B 160 -2.40 10.60 -0.95
CA LYS B 160 -1.50 10.40 0.18
C LYS B 160 -0.24 11.24 -0.01
N GLU B 161 0.36 11.19 -1.20
CA GLU B 161 1.58 11.95 -1.55
C GLU B 161 1.40 13.45 -1.38
N PHE B 162 0.36 14.01 -2.01
CA PHE B 162 0.02 15.43 -1.94
C PHE B 162 -0.32 15.86 -0.51
N ALA B 163 -1.03 14.99 0.27
CA ALA B 163 -1.35 15.28 1.68
C ALA B 163 -0.08 15.28 2.55
N TYR B 164 0.78 14.26 2.40
CA TYR B 164 2.02 14.16 3.16
C TYR B 164 3.09 15.20 2.74
N MET B 165 3.16 15.56 1.45
CA MET B 165 4.09 16.56 0.88
C MET B 165 3.69 17.96 1.33
N LYS B 166 2.39 18.21 1.49
CA LYS B 166 1.88 19.50 1.96
C LYS B 166 2.16 19.65 3.46
N ALA B 167 1.97 18.57 4.24
CA ALA B 167 2.19 18.60 5.69
C ALA B 167 3.66 18.67 6.05
N LEU B 168 4.52 18.02 5.26
CA LEU B 168 5.96 18.04 5.47
C LEU B 168 6.55 19.42 5.08
N TYR B 169 6.17 19.99 3.91
CA TYR B 169 6.60 21.32 3.45
C TYR B 169 6.33 22.36 4.52
N GLU B 170 5.17 22.26 5.19
CA GLU B 170 4.76 23.15 6.28
C GLU B 170 5.62 23.03 7.55
N ARG B 171 6.30 21.89 7.75
CA ARG B 171 7.18 21.74 8.91
C ARG B 171 8.62 22.03 8.46
N LYS B 172 8.73 22.83 7.37
CA LYS B 172 9.96 23.32 6.72
C LYS B 172 10.94 22.15 6.47
N PHE B 173 10.36 21.04 5.97
CA PHE B 173 11.03 19.81 5.62
C PHE B 173 11.57 19.90 4.16
N PRO B 174 12.71 19.24 3.85
CA PRO B 174 13.24 19.29 2.48
C PRO B 174 12.50 18.39 1.49
N VAL B 175 11.32 18.87 1.03
CA VAL B 175 10.42 18.23 0.06
C VAL B 175 10.03 19.28 -1.00
N PRO B 176 9.65 18.90 -2.25
CA PRO B 176 9.24 19.94 -3.21
C PRO B 176 7.91 20.59 -2.81
N LYS B 177 7.65 21.80 -3.35
CA LYS B 177 6.43 22.54 -3.09
C LYS B 177 5.27 21.87 -3.82
N PRO B 178 4.24 21.37 -3.09
CA PRO B 178 3.09 20.76 -3.78
C PRO B 178 2.26 21.83 -4.47
N ILE B 179 2.06 21.67 -5.79
CA ILE B 179 1.34 22.66 -6.58
C ILE B 179 -0.14 22.30 -6.77
N ASP B 180 -0.45 21.06 -7.22
CA ASP B 180 -1.83 20.60 -7.49
C ASP B 180 -1.98 19.08 -7.51
N TYR B 181 -3.24 18.59 -7.51
CA TYR B 181 -3.62 17.19 -7.51
C TYR B 181 -4.90 16.94 -8.33
N ASN B 182 -4.98 15.78 -9.02
CA ASN B 182 -6.14 15.24 -9.75
C ASN B 182 -5.94 13.76 -10.08
N ARG B 183 -6.90 12.90 -9.66
CA ARG B 183 -6.87 11.44 -9.88
C ARG B 183 -5.54 10.88 -9.35
N HIS B 184 -4.72 10.29 -10.22
CA HIS B 184 -3.44 9.69 -9.90
C HIS B 184 -2.25 10.62 -10.15
N ALA B 185 -2.51 11.90 -10.51
CA ALA B 185 -1.53 12.94 -10.87
C ALA B 185 -1.18 13.88 -9.72
N VAL B 186 0.13 14.14 -9.55
CA VAL B 186 0.64 15.08 -8.56
C VAL B 186 1.65 16.00 -9.27
N VAL B 187 1.39 17.31 -9.18
CA VAL B 187 2.19 18.39 -9.77
C VAL B 187 2.95 19.08 -8.64
N MET B 188 4.29 19.10 -8.74
CA MET B 188 5.15 19.73 -7.72
C MET B 188 6.27 20.58 -8.32
N GLU B 189 7.09 21.19 -7.43
CA GLU B 189 8.25 22.01 -7.76
C GLU B 189 9.34 21.12 -8.42
N LEU B 190 9.91 21.60 -9.56
CA LEU B 190 11.00 20.89 -10.23
C LEU B 190 12.28 21.24 -9.48
N ILE B 191 12.92 20.21 -8.89
CA ILE B 191 14.17 20.37 -8.15
C ILE B 191 15.32 20.39 -9.16
N ASN B 192 16.05 21.50 -9.19
CA ASN B 192 17.19 21.63 -10.10
C ASN B 192 18.35 20.87 -9.47
N GLY B 193 18.53 19.66 -9.95
CA GLY B 193 19.56 18.74 -9.46
C GLY B 193 19.44 17.34 -10.01
N TYR B 194 20.13 16.37 -9.39
CA TYR B 194 20.11 14.98 -9.85
C TYR B 194 19.95 13.98 -8.71
N PRO B 195 19.42 12.75 -8.98
CA PRO B 195 19.32 11.75 -7.91
C PRO B 195 20.71 11.28 -7.50
N LEU B 196 20.95 11.10 -6.18
CA LEU B 196 22.21 10.65 -5.56
C LEU B 196 22.87 9.45 -6.25
N CYS B 197 22.08 8.59 -6.91
CA CYS B 197 22.56 7.40 -7.63
C CYS B 197 23.35 7.73 -8.88
N GLN B 198 23.11 8.91 -9.47
CA GLN B 198 23.84 9.35 -10.66
C GLN B 198 25.11 10.10 -10.26
N ILE B 199 25.21 10.45 -8.97
CA ILE B 199 26.33 11.21 -8.44
C ILE B 199 27.46 10.30 -7.98
N HIS B 200 28.65 10.49 -8.59
CA HIS B 200 29.88 9.75 -8.32
C HIS B 200 30.94 10.56 -7.53
N HIS B 201 30.92 11.91 -7.65
CA HIS B 201 31.88 12.77 -6.93
C HIS B 201 31.17 13.94 -6.26
N VAL B 202 31.69 14.35 -5.08
CA VAL B 202 31.23 15.49 -4.29
C VAL B 202 32.40 16.04 -3.53
N GLU B 203 32.44 17.37 -3.31
CA GLU B 203 33.54 18.00 -2.58
C GLU B 203 33.68 17.52 -1.13
N ASP B 204 32.57 17.47 -0.37
CA ASP B 204 32.57 17.02 1.02
C ASP B 204 31.48 15.97 1.16
N PRO B 205 31.79 14.65 1.13
CA PRO B 205 30.73 13.63 1.23
C PRO B 205 30.11 13.48 2.63
N ALA B 206 30.92 13.61 3.69
CA ALA B 206 30.53 13.55 5.11
C ALA B 206 29.34 14.48 5.38
N SER B 207 29.37 15.68 4.75
CA SER B 207 28.33 16.69 4.84
C SER B 207 27.02 16.22 4.26
N VAL B 208 27.06 15.49 3.12
CA VAL B 208 25.85 14.99 2.45
C VAL B 208 25.34 13.73 3.21
N TYR B 209 26.23 13.00 3.88
CA TYR B 209 25.89 11.88 4.78
C TYR B 209 25.14 12.44 6.01
N ASP B 210 25.68 13.55 6.60
CA ASP B 210 25.12 14.24 7.77
C ASP B 210 23.74 14.76 7.43
N GLU B 211 23.63 15.53 6.32
CA GLU B 211 22.39 16.12 5.81
C GLU B 211 21.29 15.09 5.52
N ALA B 212 21.67 13.86 5.13
CA ALA B 212 20.69 12.79 4.89
C ALA B 212 20.30 12.10 6.22
N MET B 213 21.27 11.93 7.14
CA MET B 213 21.06 11.34 8.47
C MET B 213 20.16 12.27 9.34
N GLU B 214 20.31 13.59 9.14
CA GLU B 214 19.55 14.61 9.84
C GLU B 214 18.09 14.60 9.44
N LEU B 215 17.79 14.19 8.19
CA LEU B 215 16.43 14.10 7.64
C LEU B 215 15.70 12.85 8.12
N ILE B 216 16.45 11.76 8.39
CA ILE B 216 15.91 10.53 8.99
C ILE B 216 15.47 10.88 10.42
N VAL B 217 16.34 11.59 11.19
CA VAL B 217 16.09 12.01 12.56
C VAL B 217 14.91 13.03 12.62
N LYS B 218 14.89 14.05 11.76
CA LYS B 218 13.82 15.06 11.72
C LYS B 218 12.46 14.39 11.42
N LEU B 219 12.46 13.35 10.56
CA LEU B 219 11.26 12.60 10.21
C LEU B 219 10.82 11.83 11.45
N ALA B 220 11.78 11.16 12.13
CA ALA B 220 11.51 10.33 13.30
C ALA B 220 11.00 11.13 14.47
N ASN B 221 11.52 12.36 14.67
CA ASN B 221 11.10 13.30 15.71
C ASN B 221 9.70 13.86 15.44
N HIS B 222 9.22 13.72 14.19
CA HIS B 222 7.90 14.17 13.75
C HIS B 222 6.88 13.01 13.61
N GLY B 223 7.28 11.80 14.03
CA GLY B 223 6.45 10.60 14.06
C GLY B 223 6.57 9.63 12.90
N LEU B 224 7.42 9.91 11.90
CA LEU B 224 7.54 9.06 10.71
C LEU B 224 8.91 8.45 10.46
N ILE B 225 8.91 7.32 9.76
CA ILE B 225 10.07 6.56 9.32
C ILE B 225 9.81 6.35 7.84
N HIS B 226 10.79 6.70 7.01
CA HIS B 226 10.64 6.60 5.57
C HIS B 226 10.18 5.20 5.10
N GLY B 227 11.05 4.20 5.27
CA GLY B 227 10.75 2.82 4.89
C GLY B 227 11.45 2.36 3.63
N ASP B 228 11.90 3.30 2.79
CA ASP B 228 12.64 3.02 1.55
C ASP B 228 13.55 4.20 1.36
N PHE B 229 14.37 4.54 2.36
CA PHE B 229 15.21 5.72 2.25
C PHE B 229 16.43 5.35 1.40
N ASN B 230 16.53 5.92 0.19
CA ASN B 230 17.64 5.58 -0.72
C ASN B 230 18.05 6.71 -1.66
N GLU B 231 19.11 6.45 -2.47
CA GLU B 231 19.78 7.28 -3.48
C GLU B 231 18.95 7.51 -4.73
N PHE B 232 17.76 6.88 -4.79
CA PHE B 232 16.83 7.00 -5.93
C PHE B 232 15.78 8.06 -5.60
N ASN B 233 15.44 8.22 -4.29
CA ASN B 233 14.46 9.19 -3.75
C ASN B 233 15.09 10.49 -3.29
N LEU B 234 16.44 10.53 -3.22
CA LEU B 234 17.13 11.71 -2.74
C LEU B 234 17.84 12.44 -3.86
N ILE B 235 17.52 13.74 -4.01
CA ILE B 235 18.11 14.62 -5.02
C ILE B 235 19.21 15.43 -4.37
N LEU B 236 20.17 15.90 -5.17
CA LEU B 236 21.27 16.75 -4.75
C LEU B 236 21.37 17.88 -5.76
N ASP B 237 21.44 19.12 -5.27
CA ASP B 237 21.53 20.31 -6.12
C ASP B 237 22.96 20.86 -6.26
N GLU B 238 23.11 22.02 -6.98
CA GLU B 238 24.36 22.74 -7.22
C GLU B 238 25.06 23.08 -5.89
N SER B 239 24.26 23.46 -4.86
CA SER B 239 24.72 23.78 -3.51
C SER B 239 24.76 22.56 -2.56
N ASP B 240 24.82 21.34 -3.13
CA ASP B 240 24.89 20.03 -2.46
C ASP B 240 23.89 19.84 -1.30
N HIS B 241 22.61 20.10 -1.58
CA HIS B 241 21.53 19.94 -0.62
C HIS B 241 20.63 18.79 -1.05
N ILE B 242 20.12 18.03 -0.08
CA ILE B 242 19.27 16.86 -0.32
C ILE B 242 17.77 17.21 -0.20
N THR B 243 16.94 16.64 -1.10
CA THR B 243 15.49 16.84 -1.16
C THR B 243 14.81 15.49 -1.36
N MET B 244 13.85 15.20 -0.49
CA MET B 244 13.03 13.98 -0.51
C MET B 244 11.99 14.15 -1.61
N ILE B 245 11.85 13.11 -2.46
CA ILE B 245 11.03 13.14 -3.67
C ILE B 245 9.92 12.10 -3.69
N ASP B 246 10.13 11.00 -2.98
CA ASP B 246 9.20 9.87 -2.95
C ASP B 246 9.19 9.26 -1.57
N PHE B 247 7.98 9.13 -0.97
CA PHE B 247 7.74 8.56 0.37
C PHE B 247 6.40 7.79 0.34
N PRO B 248 6.33 6.60 -0.31
CA PRO B 248 5.01 5.96 -0.49
C PRO B 248 4.52 5.05 0.63
N GLN B 249 5.43 4.62 1.52
CA GLN B 249 5.06 3.64 2.55
C GLN B 249 5.66 3.90 3.92
N MET B 250 5.51 5.16 4.40
CA MET B 250 6.03 5.58 5.71
C MET B 250 5.39 4.83 6.85
N VAL B 251 6.22 4.45 7.83
CA VAL B 251 5.89 3.71 9.06
C VAL B 251 5.90 4.73 10.21
N SER B 252 4.97 4.56 11.16
CA SER B 252 4.90 5.42 12.33
C SER B 252 6.02 5.01 13.31
N THR B 253 6.52 5.97 14.15
CA THR B 253 7.57 5.65 15.14
C THR B 253 6.96 4.86 16.31
N SER B 254 5.64 4.66 16.32
CA SER B 254 5.00 3.91 17.39
C SER B 254 4.56 2.49 16.94
N HIS B 255 4.99 2.07 15.71
CA HIS B 255 4.77 0.74 15.16
C HIS B 255 5.54 -0.28 16.00
N PRO B 256 5.01 -1.50 16.27
CA PRO B 256 5.77 -2.46 17.12
C PRO B 256 7.24 -2.68 16.74
N ASN B 257 7.56 -2.73 15.40
CA ASN B 257 8.94 -2.96 14.90
C ASN B 257 9.55 -1.69 14.34
N ALA B 258 9.16 -0.53 14.91
CA ALA B 258 9.66 0.79 14.51
C ALA B 258 11.19 0.84 14.41
N GLU B 259 11.90 0.34 15.46
CA GLU B 259 13.37 0.37 15.54
C GLU B 259 14.03 -0.27 14.33
N TRP B 260 13.56 -1.47 13.89
CA TRP B 260 14.09 -2.21 12.74
C TRP B 260 13.98 -1.42 11.42
N TYR B 261 12.87 -0.73 11.20
CA TYR B 261 12.64 0.07 10.01
C TYR B 261 13.49 1.30 10.04
N PHE B 262 13.73 1.84 11.23
CA PHE B 262 14.58 3.00 11.44
C PHE B 262 16.05 2.63 11.13
N ASP B 263 16.50 1.47 11.64
CA ASP B 263 17.85 0.94 11.46
C ASP B 263 18.09 0.63 10.03
N ARG B 264 17.10 0.04 9.35
CA ARG B 264 17.17 -0.32 7.94
C ARG B 264 17.41 0.92 7.08
N ASP B 265 16.67 2.01 7.35
CA ASP B 265 16.83 3.28 6.64
C ASP B 265 18.24 3.83 6.86
N VAL B 266 18.68 3.89 8.12
CA VAL B 266 20.03 4.37 8.51
C VAL B 266 21.14 3.55 7.82
N LYS B 267 21.08 2.20 7.94
CA LYS B 267 22.07 1.28 7.34
C LYS B 267 22.13 1.41 5.82
N CYS B 268 20.97 1.70 5.15
CA CYS B 268 20.88 1.90 3.69
C CYS B 268 21.67 3.09 3.20
N ILE B 269 21.71 4.17 4.01
CA ILE B 269 22.48 5.36 3.70
C ILE B 269 23.99 5.10 3.99
N LYS B 270 24.29 4.24 4.97
CA LYS B 270 25.67 3.88 5.27
C LYS B 270 26.21 3.00 4.18
N ASP B 271 25.37 2.10 3.59
CA ASP B 271 25.78 1.19 2.49
C ASP B 271 26.10 1.93 1.19
N PHE B 272 25.26 2.89 0.82
CA PHE B 272 25.44 3.67 -0.40
C PHE B 272 26.70 4.53 -0.32
N PHE B 273 26.90 5.25 0.80
CA PHE B 273 28.07 6.12 1.01
C PHE B 273 29.38 5.34 1.01
N MET B 274 29.39 4.12 1.58
CA MET B 274 30.55 3.24 1.59
C MET B 274 30.87 2.71 0.17
N LYS B 275 29.85 2.27 -0.60
CA LYS B 275 30.01 1.74 -1.97
C LYS B 275 30.35 2.83 -2.98
N ARG B 276 29.68 3.99 -2.88
CA ARG B 276 29.88 5.12 -3.79
C ARG B 276 31.11 5.97 -3.43
N PHE B 277 31.10 6.67 -2.28
CA PHE B 277 32.16 7.64 -1.91
C PHE B 277 33.24 7.11 -0.96
N SER B 278 33.31 5.78 -0.75
CA SER B 278 34.24 5.12 0.17
C SER B 278 34.20 5.73 1.59
N TYR B 279 33.07 6.41 1.93
CA TYR B 279 32.85 7.06 3.22
C TYR B 279 32.12 6.16 4.24
N GLU B 280 32.67 6.11 5.47
CA GLU B 280 32.19 5.35 6.61
C GLU B 280 32.32 6.28 7.83
N SER B 281 31.34 6.21 8.73
CA SER B 281 31.27 7.02 9.95
C SER B 281 30.56 6.27 11.08
N GLU B 282 30.93 6.58 12.32
CA GLU B 282 30.30 5.99 13.51
C GLU B 282 29.34 6.98 14.20
N LEU B 283 29.09 8.16 13.55
CA LEU B 283 28.13 9.19 13.99
C LEU B 283 26.82 9.14 13.14
N PHE B 284 26.14 8.00 13.27
CA PHE B 284 24.87 7.69 12.66
C PHE B 284 23.79 7.66 13.78
N PRO B 285 22.55 8.13 13.52
CA PRO B 285 21.53 8.10 14.58
C PRO B 285 21.20 6.71 15.08
N THR B 286 20.62 6.66 16.29
CA THR B 286 20.11 5.46 16.95
C THR B 286 18.65 5.78 17.30
N PHE B 287 17.77 4.75 17.30
CA PHE B 287 16.35 4.93 17.59
C PHE B 287 16.08 5.45 19.04
N LYS B 288 17.11 5.50 19.93
CA LYS B 288 16.94 6.02 21.29
C LYS B 288 17.07 7.55 21.36
N ASP B 289 17.88 8.12 20.46
CA ASP B 289 18.16 9.56 20.32
C ASP B 289 16.91 10.44 20.16
N ILE B 290 15.87 9.89 19.49
CA ILE B 290 14.60 10.52 19.13
C ILE B 290 13.88 11.20 20.29
N ARG B 291 13.69 12.51 20.12
CA ARG B 291 12.99 13.40 21.04
C ARG B 291 11.56 13.48 20.49
N ARG B 292 11.21 14.60 19.82
CA ARG B 292 9.91 14.92 19.18
C ARG B 292 9.50 16.38 19.41
N GLU B 293 8.59 16.87 18.55
CA GLU B 293 8.02 18.21 18.67
C GLU B 293 6.57 18.10 19.12
N ASP B 294 6.24 18.72 20.26
CA ASP B 294 4.88 18.70 20.85
C ASP B 294 3.97 19.72 20.14
N THR B 295 3.91 19.61 18.80
CA THR B 295 3.12 20.49 17.93
C THR B 295 1.83 19.75 17.47
N LEU B 296 1.47 19.94 16.21
CA LEU B 296 0.25 19.43 15.64
C LEU B 296 0.13 17.99 15.24
N ASP B 297 1.26 17.39 14.87
CA ASP B 297 1.50 16.02 14.32
C ASP B 297 1.23 16.05 12.81
N VAL B 298 2.12 15.48 12.03
CA VAL B 298 1.93 15.50 10.59
C VAL B 298 0.91 14.50 10.06
N GLU B 299 0.71 13.41 10.76
CA GLU B 299 -0.26 12.42 10.34
C GLU B 299 -1.62 13.02 10.50
N VAL B 300 -1.74 13.88 11.49
CA VAL B 300 -2.99 14.56 11.81
C VAL B 300 -3.36 15.56 10.69
N SER B 301 -2.37 16.37 10.27
CA SER B 301 -2.52 17.37 9.20
C SER B 301 -2.73 16.71 7.86
N ALA B 302 -2.04 15.57 7.61
CA ALA B 302 -2.13 14.81 6.34
C ALA B 302 -3.45 14.10 6.18
N SER B 303 -4.05 13.61 7.27
CA SER B 303 -5.34 12.90 7.28
C SER B 303 -6.49 13.89 7.05
N GLY B 304 -6.29 15.14 7.47
CA GLY B 304 -7.22 16.24 7.26
C GLY B 304 -7.21 16.63 5.81
N TYR B 305 -6.02 16.63 5.17
CA TYR B 305 -5.89 16.95 3.75
C TYR B 305 -6.52 15.87 2.89
N THR B 306 -6.40 14.60 3.34
CA THR B 306 -6.92 13.43 2.65
C THR B 306 -8.44 13.49 2.69
N LYS B 307 -9.03 13.86 3.85
CA LYS B 307 -10.49 14.04 4.02
C LYS B 307 -11.08 15.11 3.07
N GLU B 308 -10.38 16.25 2.91
CA GLU B 308 -10.73 17.36 2.01
C GLU B 308 -10.70 16.92 0.55
N MET B 309 -9.67 16.13 0.16
CA MET B 309 -9.47 15.63 -1.21
C MET B 309 -10.49 14.55 -1.53
N GLN B 310 -10.92 13.78 -0.50
CA GLN B 310 -11.91 12.70 -0.64
C GLN B 310 -13.29 13.23 -0.93
N ALA B 311 -13.64 14.37 -0.32
CA ALA B 311 -14.95 15.04 -0.44
C ALA B 311 -15.15 15.76 -1.79
N ASP B 312 -14.04 16.00 -2.53
CA ASP B 312 -14.07 16.65 -3.84
C ASP B 312 -14.39 15.64 -4.94
#